data_4FDW
#
_entry.id   4FDW
#
_cell.length_a   79.140
_cell.length_b   112.320
_cell.length_c   55.990
_cell.angle_alpha   90.000
_cell.angle_beta   90.000
_cell.angle_gamma   90.000
#
_symmetry.space_group_name_H-M   'P 21 21 2'
#
loop_
_entity.id
_entity.type
_entity.pdbx_description
1 polymer 'leucine rich hypothetical protein'
2 non-polymer 'CADMIUM ION'
3 non-polymer 'CHLORIDE ION'
4 water water
#
_entity_poly.entity_id   1
_entity_poly.type   'polypeptide(L)'
_entity_poly.pdbx_seq_one_letter_code
;GNDEYKKDSPSAANPVEPIGASLEDFSIEQLPAKTIYALGENIDLTGLNVTGKYDDGKQRPVKVTSEQISGFSSSVPVDK
QEVTITIEGKQKSFSVHISPVRVENGVLTEILKGYNEIILPNSVKSIPKDAFRNSQIAKVVLNEGLKSIGD(MSE)AFFN
STVQEIVFPSTLEQLKEDIFYYCYNLKKADLSKTKITKLPASTFVYAGIEEVLLPVTLKEIGSQAFLKTSQLKTIEIPEN
VSTIGQEAFRESGITTVKLPNGVTNIASRAFYYCPELAEVTTYGSTFNDDPEA(MSE)IHPYCLEGCPKLARFEIPESIR
ILGQGLLGGNRKVTQLTIPANVTQINFSAFNNTGIKEVKVEGTTPPQVFEKVWYGFPDDITVIRVPAESVEKYKNANGWR
DFTNKITTF
;
_entity_poly.pdbx_strand_id   A
#
# COMPACT_ATOMS: atom_id res chain seq x y z
N ALA A 21 0.80 56.61 -21.38
CA ALA A 21 0.19 55.29 -21.66
C ALA A 21 1.24 54.23 -22.09
N SER A 22 2.52 54.47 -21.76
CA SER A 22 3.63 53.58 -22.04
C SER A 22 3.79 52.57 -20.90
N LEU A 23 4.29 51.36 -21.19
CA LEU A 23 4.52 50.34 -20.16
C LEU A 23 5.77 50.69 -19.35
N GLU A 24 5.62 50.70 -18.02
CA GLU A 24 6.75 51.04 -17.17
C GLU A 24 7.38 49.83 -16.51
N ASP A 25 6.57 48.82 -16.21
CA ASP A 25 6.98 47.61 -15.50
C ASP A 25 5.88 46.56 -15.60
N PHE A 26 6.22 45.30 -15.35
CA PHE A 26 5.20 44.24 -15.35
C PHE A 26 5.58 43.22 -14.30
N SER A 27 4.58 42.52 -13.80
CA SER A 27 4.70 41.54 -12.73
C SER A 27 4.19 40.17 -13.18
N ILE A 28 4.89 39.08 -12.81
CA ILE A 28 4.41 37.71 -13.05
C ILE A 28 3.53 37.34 -11.84
N GLU A 29 2.18 37.48 -11.97
CA GLU A 29 1.24 37.18 -10.87
C GLU A 29 1.10 35.70 -10.62
N GLN A 30 1.04 34.90 -11.71
CA GLN A 30 0.93 33.45 -11.62
C GLN A 30 1.77 32.84 -12.73
N LEU A 31 2.58 31.83 -12.35
CA LEU A 31 3.45 31.11 -13.28
C LEU A 31 2.62 30.16 -14.14
N PRO A 32 3.09 29.69 -15.32
CA PRO A 32 2.29 28.71 -16.06
C PRO A 32 2.07 27.45 -15.20
N ALA A 33 0.93 26.77 -15.35
CA ALA A 33 0.66 25.56 -14.58
C ALA A 33 1.71 24.45 -14.90
N LYS A 34 2.21 24.39 -16.15
CA LYS A 34 3.23 23.45 -16.58
C LYS A 34 4.64 24.08 -16.57
N THR A 35 5.52 23.64 -15.67
CA THR A 35 6.90 24.14 -15.59
C THR A 35 7.93 22.97 -15.70
N ILE A 36 7.44 21.70 -15.79
CA ILE A 36 8.30 20.50 -15.96
C ILE A 36 7.91 19.92 -17.32
N TYR A 37 8.87 19.92 -18.28
CA TYR A 37 8.63 19.47 -19.65
C TYR A 37 9.44 18.24 -20.00
N ALA A 38 8.85 17.42 -20.88
CA ALA A 38 9.53 16.29 -21.48
C ALA A 38 10.29 16.80 -22.68
N LEU A 39 11.31 16.04 -23.11
CA LEU A 39 12.05 16.39 -24.32
C LEU A 39 11.07 16.43 -25.49
N GLY A 40 11.18 17.45 -26.33
CA GLY A 40 10.34 17.61 -27.51
C GLY A 40 8.93 18.09 -27.27
N GLU A 41 8.68 18.70 -26.08
CA GLU A 41 7.40 19.30 -25.76
C GLU A 41 7.53 20.80 -25.93
N ASN A 42 6.51 21.46 -26.49
CA ASN A 42 6.54 22.92 -26.59
C ASN A 42 6.06 23.50 -25.27
N ILE A 43 6.43 24.75 -24.97
CA ILE A 43 5.98 25.46 -23.77
C ILE A 43 4.44 25.62 -23.84
N ASP A 44 3.80 25.61 -22.67
CA ASP A 44 2.36 25.79 -22.50
C ASP A 44 2.21 26.92 -21.51
N LEU A 45 1.60 28.04 -21.93
CA LEU A 45 1.49 29.22 -21.07
C LEU A 45 0.19 29.26 -20.24
N THR A 46 -0.73 28.27 -20.40
CA THR A 46 -1.97 28.22 -19.61
C THR A 46 -1.65 28.41 -18.11
N GLY A 47 -2.37 29.32 -17.49
CA GLY A 47 -2.17 29.64 -16.09
C GLY A 47 -1.29 30.84 -15.91
N LEU A 48 -0.48 31.22 -16.93
CA LEU A 48 0.39 32.40 -16.80
C LEU A 48 -0.45 33.68 -16.71
N ASN A 49 -0.18 34.46 -15.68
CA ASN A 49 -0.90 35.71 -15.40
C ASN A 49 0.12 36.82 -15.17
N VAL A 50 0.09 37.82 -16.06
CA VAL A 50 1.01 38.95 -16.05
C VAL A 50 0.18 40.24 -15.98
N THR A 51 0.58 41.14 -15.06
CA THR A 51 0.00 42.47 -14.85
C THR A 51 0.99 43.53 -15.29
N GLY A 52 0.52 44.50 -16.07
CA GLY A 52 1.35 45.60 -16.55
C GLY A 52 1.05 46.90 -15.83
N LYS A 53 2.09 47.68 -15.53
CA LYS A 53 1.98 48.99 -14.87
C LYS A 53 2.26 50.06 -15.92
N TYR A 54 1.31 51.00 -16.16
CA TYR A 54 1.46 51.99 -17.24
C TYR A 54 1.62 53.45 -16.75
N ASP A 55 2.19 54.30 -17.62
CA ASP A 55 2.48 55.71 -17.31
C ASP A 55 1.21 56.55 -17.10
N ASP A 56 0.01 56.02 -17.46
CA ASP A 56 -1.23 56.76 -17.19
C ASP A 56 -1.80 56.39 -15.77
N GLY A 57 -1.04 55.62 -14.98
CA GLY A 57 -1.42 55.22 -13.64
C GLY A 57 -2.26 53.95 -13.55
N LYS A 58 -2.55 53.34 -14.69
CA LYS A 58 -3.37 52.15 -14.68
C LYS A 58 -2.55 50.87 -14.74
N GLN A 59 -3.06 49.85 -14.04
CA GLN A 59 -2.52 48.50 -14.05
C GLN A 59 -3.52 47.64 -14.78
N ARG A 60 -3.05 46.89 -15.76
CA ARG A 60 -3.90 46.06 -16.60
C ARG A 60 -3.28 44.68 -16.81
N PRO A 61 -4.10 43.61 -16.97
CA PRO A 61 -3.51 42.31 -17.38
C PRO A 61 -2.94 42.43 -18.78
N VAL A 62 -1.85 41.71 -19.05
CA VAL A 62 -1.17 41.73 -20.37
C VAL A 62 -1.21 40.32 -20.97
N LYS A 63 -1.73 40.18 -22.21
CA LYS A 63 -1.75 38.87 -22.88
C LYS A 63 -0.32 38.51 -23.32
N VAL A 64 0.19 37.35 -22.86
CA VAL A 64 1.55 36.90 -23.21
C VAL A 64 1.41 35.79 -24.27
N THR A 65 2.14 35.93 -25.40
CA THR A 65 2.13 34.95 -26.48
C THR A 65 3.59 34.49 -26.73
N SER A 66 3.80 33.60 -27.71
CA SER A 66 5.11 33.06 -28.13
C SER A 66 6.07 34.17 -28.56
N GLU A 67 5.52 35.29 -29.05
CA GLU A 67 6.26 36.48 -29.48
C GLU A 67 6.92 37.22 -28.31
N GLN A 68 6.47 36.99 -27.06
CA GLN A 68 7.03 37.68 -25.90
C GLN A 68 7.96 36.77 -25.11
N ILE A 69 8.11 35.51 -25.56
CA ILE A 69 8.91 34.47 -24.90
C ILE A 69 10.23 34.24 -25.63
N SER A 70 11.31 33.99 -24.85
CA SER A 70 12.65 33.63 -25.33
C SER A 70 13.34 32.73 -24.30
N GLY A 71 14.31 31.92 -24.73
CA GLY A 71 15.10 31.03 -23.88
C GLY A 71 14.51 29.66 -23.62
N PHE A 72 13.29 29.39 -24.13
CA PHE A 72 12.69 28.07 -23.97
C PHE A 72 13.26 27.10 -24.98
N SER A 73 13.60 25.88 -24.52
CA SER A 73 14.06 24.80 -25.39
C SER A 73 13.97 23.48 -24.66
N SER A 74 13.24 22.52 -25.24
CA SER A 74 13.11 21.18 -24.66
C SER A 74 13.91 20.18 -25.52
N SER A 75 15.03 20.64 -26.13
CA SER A 75 15.85 19.80 -27.02
C SER A 75 16.77 18.90 -26.20
N VAL A 76 17.30 19.41 -25.09
CA VAL A 76 18.20 18.64 -24.23
C VAL A 76 17.74 18.72 -22.76
N PRO A 77 18.15 17.76 -21.88
CA PRO A 77 17.76 17.87 -20.46
C PRO A 77 18.45 19.08 -19.79
N VAL A 78 17.69 19.84 -18.98
CA VAL A 78 18.17 21.05 -18.27
C VAL A 78 17.46 21.09 -16.92
N ASP A 79 18.21 21.18 -15.80
CA ASP A 79 17.63 21.20 -14.46
C ASP A 79 16.86 22.48 -14.18
N LYS A 80 17.41 23.62 -14.60
CA LYS A 80 16.80 24.92 -14.42
C LYS A 80 17.09 25.77 -15.66
N GLN A 81 16.05 26.03 -16.46
CA GLN A 81 16.13 26.82 -17.67
C GLN A 81 15.36 28.11 -17.46
N GLU A 82 16.05 29.24 -17.70
CA GLU A 82 15.52 30.60 -17.56
CA GLU A 82 15.48 30.57 -17.55
C GLU A 82 14.72 30.97 -18.82
N VAL A 83 13.40 31.19 -18.67
CA VAL A 83 12.50 31.59 -19.77
C VAL A 83 12.19 33.05 -19.51
N THR A 84 12.45 33.89 -20.51
CA THR A 84 12.27 35.33 -20.36
C THR A 84 11.02 35.81 -21.08
N ILE A 85 10.30 36.72 -20.42
CA ILE A 85 9.13 37.42 -20.98
C ILE A 85 9.58 38.85 -21.32
N THR A 86 9.42 39.27 -22.58
CA THR A 86 9.78 40.64 -22.99
C THR A 86 8.51 41.33 -23.47
N ILE A 87 8.16 42.43 -22.79
CA ILE A 87 6.99 43.24 -23.11
C ILE A 87 7.43 44.67 -23.16
N GLU A 88 7.27 45.31 -24.35
CA GLU A 88 7.63 46.69 -24.66
C GLU A 88 9.07 47.02 -24.17
N GLY A 89 10.00 46.10 -24.43
CA GLY A 89 11.39 46.27 -24.02
C GLY A 89 11.71 45.92 -22.58
N LYS A 90 10.68 45.75 -21.73
CA LYS A 90 10.84 45.37 -20.31
C LYS A 90 10.88 43.84 -20.21
N GLN A 91 11.76 43.29 -19.36
CA GLN A 91 11.96 41.85 -19.23
C GLN A 91 11.83 41.33 -17.79
N LYS A 92 11.27 40.11 -17.65
CA LYS A 92 11.15 39.31 -16.43
C LYS A 92 11.28 37.83 -16.80
N SER A 93 11.91 37.02 -15.92
CA SER A 93 12.15 35.61 -16.18
C SER A 93 11.47 34.69 -15.16
N PHE A 94 11.33 33.41 -15.55
CA PHE A 94 10.84 32.32 -14.71
C PHE A 94 11.54 31.03 -15.16
N SER A 95 11.58 30.04 -14.27
CA SER A 95 12.29 28.81 -14.60
C SER A 95 11.36 27.68 -15.07
N VAL A 96 11.91 26.81 -15.93
CA VAL A 96 11.30 25.55 -16.37
C VAL A 96 12.37 24.47 -16.16
N HIS A 97 11.94 23.21 -16.17
CA HIS A 97 12.81 22.04 -16.05
C HIS A 97 12.51 21.13 -17.22
N ILE A 98 13.57 20.72 -17.94
CA ILE A 98 13.45 19.79 -19.07
C ILE A 98 13.95 18.42 -18.59
N SER A 99 13.03 17.45 -18.44
CA SER A 99 13.33 16.11 -17.96
C SER A 99 13.84 15.23 -19.09
N PRO A 100 14.76 14.26 -18.82
CA PRO A 100 15.31 13.44 -19.93
C PRO A 100 14.38 12.29 -20.31
N VAL A 101 13.13 12.62 -20.61
CA VAL A 101 12.11 11.64 -20.95
C VAL A 101 11.32 12.11 -22.18
N ARG A 102 10.62 11.19 -22.84
CA ARG A 102 9.70 11.50 -23.93
C ARG A 102 8.33 11.00 -23.51
N VAL A 103 7.29 11.78 -23.85
CA VAL A 103 5.88 11.52 -23.53
C VAL A 103 5.05 11.64 -24.79
N GLU A 104 4.30 10.60 -25.16
CA GLU A 104 3.42 10.60 -26.33
C GLU A 104 2.01 10.23 -25.89
N ASN A 105 1.04 11.15 -26.19
CA ASN A 105 -0.38 11.03 -25.85
CA ASN A 105 -0.38 11.00 -25.87
C ASN A 105 -0.57 10.64 -24.37
N GLY A 106 0.24 11.27 -23.50
CA GLY A 106 0.20 11.04 -22.05
C GLY A 106 0.97 9.82 -21.56
N VAL A 107 1.55 9.03 -22.49
CA VAL A 107 2.31 7.81 -22.17
C VAL A 107 3.80 8.13 -22.14
N LEU A 108 4.49 7.73 -21.05
CA LEU A 108 5.94 7.87 -20.94
C LEU A 108 6.55 6.81 -21.86
N THR A 109 6.99 7.21 -23.04
CA THR A 109 7.47 6.28 -24.07
C THR A 109 9.01 6.08 -24.09
N GLU A 110 9.77 7.01 -23.50
CA GLU A 110 11.23 6.89 -23.49
C GLU A 110 11.85 7.56 -22.26
N ILE A 111 12.95 6.97 -21.76
CA ILE A 111 13.73 7.47 -20.63
C ILE A 111 15.19 7.45 -21.06
N LEU A 112 15.88 8.62 -21.02
CA LEU A 112 17.29 8.69 -21.40
C LEU A 112 18.15 8.04 -20.31
N LYS A 113 19.24 7.38 -20.71
CA LYS A 113 20.13 6.67 -19.79
C LYS A 113 21.19 7.59 -19.19
N GLY A 114 21.69 7.22 -18.02
CA GLY A 114 22.74 7.98 -17.35
C GLY A 114 22.28 9.09 -16.42
N TYR A 115 20.97 9.13 -16.09
CA TYR A 115 20.41 10.12 -15.17
C TYR A 115 20.07 9.44 -13.85
N ASN A 116 20.70 9.93 -12.77
CA ASN A 116 20.60 9.44 -11.40
C ASN A 116 19.25 9.80 -10.77
N GLU A 117 18.67 10.93 -11.21
CA GLU A 117 17.39 11.39 -10.69
C GLU A 117 16.54 11.89 -11.84
N ILE A 118 15.26 11.53 -11.85
CA ILE A 118 14.33 11.98 -12.88
C ILE A 118 13.06 12.53 -12.23
N ILE A 119 12.63 13.70 -12.70
CA ILE A 119 11.41 14.36 -12.26
C ILE A 119 10.45 14.25 -13.45
N LEU A 120 9.35 13.53 -13.29
CA LEU A 120 8.46 13.35 -14.42
C LEU A 120 7.72 14.65 -14.77
N PRO A 121 7.54 14.92 -16.06
CA PRO A 121 6.78 16.12 -16.45
C PRO A 121 5.31 15.97 -16.08
N ASN A 122 4.61 17.10 -15.97
CA ASN A 122 3.19 17.22 -15.63
C ASN A 122 2.29 16.47 -16.62
N SER A 123 2.78 16.23 -17.84
CA SER A 123 2.03 15.59 -18.93
C SER A 123 1.89 14.03 -18.84
N VAL A 124 2.65 13.35 -17.95
CA VAL A 124 2.56 11.88 -17.84
C VAL A 124 1.22 11.48 -17.21
N LYS A 125 0.44 10.68 -17.97
CA LYS A 125 -0.84 10.14 -17.54
C LYS A 125 -0.67 8.67 -17.17
N SER A 126 0.25 7.97 -17.88
CA SER A 126 0.53 6.56 -17.61
C SER A 126 2.00 6.17 -17.88
N ILE A 127 2.50 5.23 -17.09
CA ILE A 127 3.83 4.62 -17.22
C ILE A 127 3.55 3.22 -17.76
N PRO A 128 4.05 2.87 -18.97
CA PRO A 128 3.71 1.55 -19.52
C PRO A 128 4.54 0.45 -18.86
N LYS A 129 4.23 -0.81 -19.22
CA LYS A 129 4.96 -1.98 -18.71
C LYS A 129 6.45 -1.85 -19.02
N ASP A 130 7.32 -2.26 -18.07
CA ASP A 130 8.79 -2.28 -18.22
C ASP A 130 9.45 -0.90 -18.47
N ALA A 131 8.77 0.24 -18.21
CA ALA A 131 9.36 1.57 -18.50
C ALA A 131 10.72 1.78 -17.81
N PHE A 132 10.84 1.40 -16.54
CA PHE A 132 12.06 1.54 -15.75
C PHE A 132 12.64 0.16 -15.42
N ARG A 133 12.37 -0.86 -16.24
CA ARG A 133 12.88 -2.22 -16.02
CA ARG A 133 12.88 -2.21 -16.01
C ARG A 133 14.41 -2.19 -16.04
N ASN A 134 15.05 -2.78 -14.99
CA ASN A 134 16.51 -2.87 -14.80
C ASN A 134 17.19 -1.47 -14.79
N SER A 135 16.42 -0.35 -14.54
CA SER A 135 16.93 1.02 -14.53
CA SER A 135 16.97 1.01 -14.56
C SER A 135 17.96 1.22 -13.42
N GLN A 136 19.06 1.92 -13.74
CA GLN A 136 20.14 2.20 -12.79
C GLN A 136 19.89 3.50 -11.99
N ILE A 137 18.72 4.12 -12.15
CA ILE A 137 18.31 5.35 -11.49
C ILE A 137 18.32 5.22 -9.94
N ALA A 138 18.46 6.35 -9.23
CA ALA A 138 18.47 6.39 -7.76
C ALA A 138 17.15 6.92 -7.24
N LYS A 139 16.57 7.91 -7.95
CA LYS A 139 15.36 8.57 -7.49
C LYS A 139 14.43 8.95 -8.65
N VAL A 140 13.13 8.70 -8.47
CA VAL A 140 12.12 9.09 -9.44
C VAL A 140 11.04 9.88 -8.70
N VAL A 141 10.73 11.10 -9.19
CA VAL A 141 9.66 11.90 -8.61
C VAL A 141 8.53 11.82 -9.61
N LEU A 142 7.49 11.02 -9.27
CA LEU A 142 6.29 10.85 -10.11
C LEU A 142 5.45 12.13 -10.03
N ASN A 143 4.77 12.46 -11.13
CA ASN A 143 4.01 13.70 -11.26
C ASN A 143 2.54 13.60 -10.84
N GLU A 144 1.98 14.73 -10.44
CA GLU A 144 0.56 14.93 -10.21
C GLU A 144 -0.07 14.91 -11.61
N GLY A 145 -1.01 14.02 -11.80
CA GLY A 145 -1.60 13.78 -13.11
C GLY A 145 -1.37 12.35 -13.51
N LEU A 146 -0.31 11.69 -12.95
CA LEU A 146 -0.02 10.26 -13.19
C LEU A 146 -1.19 9.42 -12.65
N LYS A 147 -1.78 8.59 -13.48
CA LYS A 147 -2.95 7.78 -13.11
C LYS A 147 -2.62 6.30 -12.93
N SER A 148 -1.76 5.72 -13.81
CA SER A 148 -1.46 4.31 -13.76
C SER A 148 0.00 3.95 -14.05
N ILE A 149 0.42 2.81 -13.47
CA ILE A 149 1.77 2.24 -13.67
C ILE A 149 1.54 0.78 -14.14
N GLY A 150 2.15 0.43 -15.29
CA GLY A 150 2.03 -0.87 -15.92
C GLY A 150 2.92 -1.93 -15.30
N ASP A 151 2.81 -3.16 -15.82
CA ASP A 151 3.51 -4.36 -15.37
C ASP A 151 5.01 -4.22 -15.35
N ALA A 153 7.03 -2.31 -14.10
CA ALA A 153 7.55 -0.98 -14.41
C ALA A 153 8.92 -0.71 -13.84
N PHE A 154 9.18 -1.12 -12.58
CA PHE A 154 10.48 -0.90 -11.94
C PHE A 154 11.17 -2.22 -11.61
N PHE A 155 10.83 -3.30 -12.33
CA PHE A 155 11.39 -4.64 -12.13
C PHE A 155 12.92 -4.63 -12.12
N ASN A 156 13.51 -5.15 -11.00
CA ASN A 156 14.97 -5.27 -10.77
C ASN A 156 15.70 -3.92 -11.00
N SER A 157 15.04 -2.80 -10.65
CA SER A 157 15.66 -1.48 -10.78
C SER A 157 16.49 -1.24 -9.53
N THR A 158 17.53 -0.40 -9.63
CA THR A 158 18.38 -0.08 -8.47
C THR A 158 17.79 1.12 -7.68
N VAL A 159 16.63 1.64 -8.10
CA VAL A 159 15.95 2.78 -7.52
C VAL A 159 15.93 2.70 -5.97
N GLN A 160 16.28 3.81 -5.34
CA GLN A 160 16.36 3.90 -3.89
C GLN A 160 15.18 4.64 -3.33
N GLU A 161 14.59 5.57 -4.10
CA GLU A 161 13.51 6.40 -3.57
C GLU A 161 12.53 6.83 -4.65
N ILE A 162 11.24 6.72 -4.35
CA ILE A 162 10.19 7.11 -5.27
C ILE A 162 9.20 8.03 -4.56
N VAL A 163 8.89 9.18 -5.18
CA VAL A 163 7.86 10.10 -4.69
C VAL A 163 6.55 9.76 -5.47
N PHE A 164 5.52 9.23 -4.78
CA PHE A 164 4.26 8.87 -5.42
C PHE A 164 3.25 10.05 -5.38
N PRO A 165 2.41 10.23 -6.43
CA PRO A 165 1.46 11.36 -6.40
C PRO A 165 0.05 10.97 -5.94
N SER A 166 -0.74 11.98 -5.52
CA SER A 166 -2.11 11.83 -5.01
C SER A 166 -3.08 11.35 -6.10
N THR A 167 -2.71 11.48 -7.38
CA THR A 167 -3.58 11.11 -8.50
C THR A 167 -3.43 9.62 -8.91
N LEU A 168 -2.40 8.92 -8.39
CA LEU A 168 -2.16 7.51 -8.73
C LEU A 168 -3.34 6.67 -8.23
N GLU A 169 -3.97 5.96 -9.18
CA GLU A 169 -5.21 5.21 -8.97
C GLU A 169 -5.12 3.75 -9.35
N GLN A 170 -4.21 3.40 -10.30
CA GLN A 170 -4.13 2.04 -10.82
C GLN A 170 -2.72 1.48 -10.91
N LEU A 171 -2.56 0.22 -10.48
CA LEU A 171 -1.27 -0.47 -10.57
C LEU A 171 -1.43 -1.82 -11.24
N LYS A 172 -0.43 -2.21 -12.02
CA LYS A 172 -0.38 -3.55 -12.60
C LYS A 172 0.56 -4.39 -11.71
N GLU A 173 0.89 -5.65 -12.07
CA GLU A 173 1.67 -6.54 -11.20
CA GLU A 173 1.68 -6.57 -11.26
C GLU A 173 3.20 -6.40 -11.38
N ASP A 174 3.95 -6.97 -10.40
CA ASP A 174 5.41 -7.05 -10.27
C ASP A 174 6.13 -5.73 -10.48
N ILE A 175 5.50 -4.59 -10.11
CA ILE A 175 6.12 -3.30 -10.39
C ILE A 175 7.49 -3.16 -9.70
N PHE A 176 7.60 -3.43 -8.39
CA PHE A 176 8.88 -3.26 -7.67
C PHE A 176 9.51 -4.59 -7.31
N TYR A 177 9.32 -5.58 -8.16
CA TYR A 177 9.90 -6.89 -7.98
C TYR A 177 11.42 -6.78 -8.10
N TYR A 178 12.16 -7.35 -7.13
CA TYR A 178 13.64 -7.33 -7.06
C TYR A 178 14.21 -5.91 -6.83
N CYS A 179 13.44 -4.99 -6.24
CA CYS A 179 13.96 -3.64 -5.97
C CYS A 179 14.64 -3.64 -4.61
N TYR A 180 15.88 -4.19 -4.60
CA TYR A 180 16.72 -4.40 -3.41
C TYR A 180 17.07 -3.10 -2.66
N ASN A 181 17.14 -1.97 -3.36
CA ASN A 181 17.56 -0.70 -2.72
C ASN A 181 16.38 0.20 -2.37
N LEU A 182 15.15 -0.18 -2.74
CA LEU A 182 13.99 0.66 -2.43
C LEU A 182 13.69 0.54 -0.94
N LYS A 183 14.06 1.54 -0.16
CA LYS A 183 13.92 1.49 1.31
C LYS A 183 12.50 1.77 1.79
N LYS A 184 11.73 2.55 1.04
CA LYS A 184 10.40 2.95 1.50
C LYS A 184 9.44 3.10 0.34
N ALA A 185 8.15 2.85 0.56
CA ALA A 185 7.12 3.09 -0.46
C ALA A 185 5.97 3.78 0.23
N ASP A 186 5.92 5.10 0.08
CA ASP A 186 4.86 5.87 0.70
C ASP A 186 3.73 6.11 -0.31
N LEU A 187 2.73 5.22 -0.25
CA LEU A 187 1.54 5.28 -1.10
C LEU A 187 0.30 5.81 -0.35
N SER A 188 0.48 6.37 0.86
CA SER A 188 -0.62 6.80 1.73
C SER A 188 -1.51 7.92 1.15
N LYS A 189 -1.00 8.68 0.17
CA LYS A 189 -1.74 9.79 -0.41
C LYS A 189 -2.28 9.47 -1.80
N THR A 190 -2.06 8.22 -2.29
CA THR A 190 -2.58 7.73 -3.55
C THR A 190 -4.05 7.30 -3.38
N LYS A 191 -4.68 6.90 -4.50
CA LYS A 191 -6.08 6.50 -4.55
C LYS A 191 -6.22 5.05 -4.98
N ILE A 192 -5.14 4.25 -4.87
CA ILE A 192 -5.15 2.84 -5.28
C ILE A 192 -6.15 2.06 -4.39
N THR A 193 -6.90 1.12 -5.00
CA THR A 193 -7.90 0.31 -4.28
C THR A 193 -7.37 -1.12 -4.11
N LYS A 194 -6.33 -1.46 -4.90
CA LYS A 194 -5.71 -2.76 -4.86
C LYS A 194 -4.19 -2.65 -5.02
N LEU A 195 -3.46 -3.33 -4.11
CA LEU A 195 -2.02 -3.49 -4.23
C LEU A 195 -1.86 -4.83 -4.95
N PRO A 196 -1.43 -4.82 -6.23
CA PRO A 196 -1.41 -6.07 -7.00
C PRO A 196 -0.48 -7.16 -6.46
N ALA A 197 -0.70 -8.36 -6.97
CA ALA A 197 0.10 -9.53 -6.69
C ALA A 197 1.57 -9.25 -7.04
N SER A 198 2.50 -9.73 -6.19
CA SER A 198 3.95 -9.69 -6.38
C SER A 198 4.58 -8.27 -6.49
N THR A 199 3.91 -7.23 -5.95
CA THR A 199 4.39 -5.84 -6.03
C THR A 199 5.82 -5.65 -5.50
N PHE A 200 6.12 -6.20 -4.32
CA PHE A 200 7.41 -5.98 -3.67
C PHE A 200 8.21 -7.25 -3.41
N VAL A 201 8.04 -8.31 -4.22
CA VAL A 201 8.80 -9.56 -4.05
C VAL A 201 10.30 -9.26 -4.06
N TYR A 202 11.01 -9.67 -2.99
CA TYR A 202 12.45 -9.54 -2.80
C TYR A 202 12.93 -8.08 -2.78
N ALA A 203 12.01 -7.11 -2.63
CA ALA A 203 12.38 -5.70 -2.54
C ALA A 203 12.95 -5.44 -1.16
N GLY A 204 13.83 -4.46 -1.06
CA GLY A 204 14.48 -4.08 0.17
C GLY A 204 13.67 -3.12 1.03
N ILE A 205 12.34 -2.97 0.76
CA ILE A 205 11.48 -2.04 1.52
C ILE A 205 11.55 -2.30 3.04
N GLU A 206 11.74 -1.24 3.80
CA GLU A 206 11.81 -1.30 5.27
C GLU A 206 10.50 -0.85 5.86
N GLU A 207 9.77 -0.04 5.09
CA GLU A 207 8.46 0.50 5.51
C GLU A 207 7.61 0.79 4.28
N VAL A 208 6.29 0.50 4.38
CA VAL A 208 5.31 0.78 3.32
CA VAL A 208 5.31 0.77 3.32
C VAL A 208 4.09 1.45 3.98
N LEU A 209 3.61 2.54 3.38
CA LEU A 209 2.43 3.25 3.90
C LEU A 209 1.37 3.16 2.84
N LEU A 210 0.20 2.63 3.23
CA LEU A 210 -0.88 2.35 2.30
C LEU A 210 -2.04 3.34 2.47
N PRO A 211 -2.79 3.64 1.39
CA PRO A 211 -3.88 4.65 1.53
C PRO A 211 -5.18 4.09 2.11
N VAL A 212 -6.08 4.99 2.55
CA VAL A 212 -7.43 4.68 3.06
C VAL A 212 -8.32 4.04 1.99
N THR A 213 -8.04 4.33 0.69
CA THR A 213 -8.80 3.75 -0.44
C THR A 213 -8.52 2.24 -0.66
N LEU A 214 -7.44 1.70 -0.07
CA LEU A 214 -7.05 0.30 -0.29
C LEU A 214 -8.07 -0.68 0.24
N LYS A 215 -8.49 -1.61 -0.63
CA LYS A 215 -9.47 -2.67 -0.33
C LYS A 215 -8.82 -4.03 -0.30
N GLU A 216 -7.76 -4.25 -1.09
CA GLU A 216 -7.10 -5.56 -1.08
C GLU A 216 -5.59 -5.52 -1.36
N ILE A 217 -4.92 -6.56 -0.82
CA ILE A 217 -3.50 -6.81 -0.99
C ILE A 217 -3.44 -8.11 -1.75
N GLY A 218 -2.84 -8.05 -2.93
CA GLY A 218 -2.73 -9.20 -3.80
C GLY A 218 -1.81 -10.28 -3.26
N SER A 219 -1.95 -11.45 -3.86
CA SER A 219 -1.15 -12.64 -3.60
C SER A 219 0.37 -12.32 -3.67
N GLN A 220 1.15 -12.75 -2.66
CA GLN A 220 2.61 -12.62 -2.56
C GLN A 220 3.14 -11.17 -2.74
N ALA A 221 2.30 -10.16 -2.48
CA ALA A 221 2.66 -8.72 -2.63
C ALA A 221 3.94 -8.32 -1.89
N PHE A 222 4.22 -8.96 -0.74
CA PHE A 222 5.37 -8.69 0.13
C PHE A 222 6.14 -9.98 0.38
N LEU A 223 6.17 -10.89 -0.61
CA LEU A 223 6.89 -12.15 -0.53
C LEU A 223 8.38 -11.86 -0.36
N LYS A 224 9.00 -12.47 0.67
CA LYS A 224 10.45 -12.39 0.98
C LYS A 224 10.96 -10.94 1.09
N THR A 225 10.18 -10.10 1.80
CA THR A 225 10.55 -8.73 2.13
C THR A 225 11.20 -8.85 3.50
N SER A 226 12.45 -9.34 3.47
CA SER A 226 13.28 -9.63 4.65
CA SER A 226 13.27 -9.64 4.65
C SER A 226 13.60 -8.39 5.50
N GLN A 227 13.55 -7.18 4.92
CA GLN A 227 13.88 -5.95 5.64
C GLN A 227 12.66 -5.16 6.09
N LEU A 228 11.44 -5.59 5.71
CA LEU A 228 10.21 -4.92 6.09
C LEU A 228 10.02 -5.12 7.59
N LYS A 229 10.16 -4.06 8.37
CA LYS A 229 10.16 -4.12 9.83
C LYS A 229 8.79 -4.32 10.43
N THR A 230 7.77 -3.68 9.84
CA THR A 230 6.38 -3.71 10.32
C THR A 230 5.42 -3.53 9.16
N ILE A 231 4.14 -3.71 9.40
CA ILE A 231 3.08 -3.42 8.45
C ILE A 231 1.83 -2.98 9.22
N GLU A 232 1.23 -1.88 8.77
CA GLU A 232 -0.06 -1.43 9.25
C GLU A 232 -1.02 -1.49 8.08
N ILE A 233 -1.97 -2.42 8.17
CA ILE A 233 -2.97 -2.59 7.10
C ILE A 233 -3.99 -1.44 7.29
N PRO A 234 -4.26 -0.59 6.26
CA PRO A 234 -5.20 0.52 6.47
C PRO A 234 -6.67 0.05 6.64
N GLU A 235 -7.49 0.95 7.22
CA GLU A 235 -8.86 0.70 7.68
CA GLU A 235 -8.90 0.78 7.62
C GLU A 235 -9.83 0.01 6.69
N ASN A 236 -9.74 0.28 5.37
CA ASN A 236 -10.75 -0.28 4.48
C ASN A 236 -10.36 -1.57 3.76
N VAL A 237 -9.26 -2.21 4.14
CA VAL A 237 -8.85 -3.46 3.51
C VAL A 237 -9.77 -4.59 4.01
N SER A 238 -10.28 -5.36 3.04
CA SER A 238 -11.15 -6.52 3.28
CA SER A 238 -11.15 -6.51 3.30
C SER A 238 -10.42 -7.82 3.00
N THR A 239 -9.44 -7.79 2.07
CA THR A 239 -8.74 -8.99 1.62
C THR A 239 -7.22 -8.92 1.67
N ILE A 240 -6.59 -9.98 2.21
CA ILE A 240 -5.13 -10.15 2.24
C ILE A 240 -4.89 -11.44 1.48
N GLY A 241 -4.27 -11.29 0.30
CA GLY A 241 -4.03 -12.37 -0.66
C GLY A 241 -3.17 -13.50 -0.16
N GLN A 242 -3.20 -14.60 -0.90
CA GLN A 242 -2.46 -15.81 -0.55
C GLN A 242 -0.96 -15.50 -0.47
N GLU A 243 -0.35 -15.88 0.66
CA GLU A 243 1.09 -15.72 0.94
C GLU A 243 1.58 -14.30 0.76
N ALA A 244 0.71 -13.29 1.02
CA ALA A 244 1.04 -11.87 0.86
C ALA A 244 2.29 -11.44 1.63
N PHE A 245 2.51 -11.99 2.83
CA PHE A 245 3.65 -11.62 3.68
C PHE A 245 4.52 -12.82 3.99
N ARG A 246 4.44 -13.86 3.16
CA ARG A 246 5.24 -15.05 3.35
C ARG A 246 6.74 -14.72 3.40
N GLU A 247 7.41 -15.19 4.48
CA GLU A 247 8.85 -15.02 4.72
C GLU A 247 9.26 -13.53 4.72
N SER A 248 8.38 -12.65 5.18
CA SER A 248 8.68 -11.22 5.35
C SER A 248 9.43 -11.07 6.67
N GLY A 249 10.14 -9.95 6.86
CA GLY A 249 10.87 -9.66 8.09
C GLY A 249 10.04 -8.95 9.15
N ILE A 250 8.74 -8.74 8.85
CA ILE A 250 7.78 -8.03 9.70
C ILE A 250 7.83 -8.52 11.14
N THR A 251 7.90 -7.56 12.09
CA THR A 251 7.93 -7.89 13.51
C THR A 251 6.53 -7.74 14.09
N THR A 252 5.71 -6.84 13.54
CA THR A 252 4.34 -6.58 14.02
C THR A 252 3.39 -6.38 12.86
N VAL A 253 2.11 -6.72 13.07
CA VAL A 253 1.06 -6.56 12.06
C VAL A 253 -0.13 -5.87 12.72
N LYS A 254 -0.69 -4.85 12.07
CA LYS A 254 -1.92 -4.22 12.56
C LYS A 254 -3.02 -4.39 11.51
N LEU A 255 -4.12 -5.05 11.88
CA LEU A 255 -5.24 -5.36 11.00
C LEU A 255 -6.51 -4.65 11.39
N PRO A 256 -7.29 -4.06 10.46
CA PRO A 256 -8.58 -3.50 10.86
C PRO A 256 -9.56 -4.64 11.14
N ASN A 257 -10.55 -4.38 11.99
CA ASN A 257 -11.56 -5.37 12.36
C ASN A 257 -12.47 -5.73 11.17
N GLY A 258 -12.49 -4.88 10.13
CA GLY A 258 -13.27 -5.08 8.92
C GLY A 258 -12.68 -6.06 7.93
N VAL A 259 -11.45 -6.57 8.17
CA VAL A 259 -10.80 -7.58 7.32
C VAL A 259 -11.68 -8.84 7.30
N THR A 260 -12.04 -9.34 6.11
CA THR A 260 -12.91 -10.54 6.03
C THR A 260 -12.19 -11.75 5.43
N ASN A 261 -11.12 -11.54 4.66
CA ASN A 261 -10.45 -12.66 4.04
C ASN A 261 -8.93 -12.59 4.22
N ILE A 262 -8.39 -13.50 5.05
CA ILE A 262 -6.92 -13.63 5.22
C ILE A 262 -6.61 -14.92 4.56
N ALA A 263 -6.11 -14.87 3.32
CA ALA A 263 -5.88 -16.10 2.54
C ALA A 263 -4.77 -17.01 3.14
N SER A 264 -4.69 -18.25 2.64
CA SER A 264 -3.79 -19.27 3.14
C SER A 264 -2.33 -18.81 3.10
N ARG A 265 -1.61 -19.16 4.17
CA ARG A 265 -0.17 -18.92 4.36
C ARG A 265 0.19 -17.43 4.11
N ALA A 266 -0.73 -16.50 4.43
CA ALA A 266 -0.54 -15.05 4.28
C ALA A 266 0.66 -14.52 5.10
N PHE A 267 0.95 -15.13 6.27
CA PHE A 267 2.07 -14.73 7.14
C PHE A 267 2.96 -15.95 7.37
N TYR A 268 3.05 -16.82 6.35
CA TYR A 268 3.78 -18.07 6.37
C TYR A 268 5.27 -17.85 6.54
N TYR A 269 5.84 -18.52 7.53
CA TYR A 269 7.27 -18.53 7.87
C TYR A 269 7.90 -17.12 7.97
N CYS A 270 7.30 -16.28 8.83
CA CYS A 270 7.80 -14.95 9.18
C CYS A 270 8.59 -15.16 10.45
N PRO A 271 9.95 -15.20 10.34
CA PRO A 271 10.77 -15.58 11.50
C PRO A 271 10.82 -14.56 12.65
N GLU A 272 10.50 -13.27 12.37
CA GLU A 272 10.57 -12.23 13.42
C GLU A 272 9.18 -11.74 13.84
N LEU A 273 8.10 -12.27 13.25
CA LEU A 273 6.76 -11.83 13.57
C LEU A 273 6.40 -12.13 15.04
N ALA A 274 6.28 -11.07 15.84
CA ALA A 274 5.99 -11.13 17.28
C ALA A 274 4.52 -10.95 17.60
N GLU A 275 3.79 -10.10 16.81
CA GLU A 275 2.36 -9.87 17.11
C GLU A 275 1.56 -9.43 15.92
N VAL A 276 0.29 -9.82 15.96
CA VAL A 276 -0.79 -9.53 15.03
C VAL A 276 -1.91 -8.97 15.87
N THR A 277 -2.19 -7.67 15.74
CA THR A 277 -3.23 -7.02 16.54
C THR A 277 -4.28 -6.42 15.62
N THR A 278 -5.49 -6.23 16.15
CA THR A 278 -6.64 -5.69 15.42
C THR A 278 -6.97 -4.29 15.88
N TYR A 279 -7.77 -3.55 15.08
CA TYR A 279 -8.14 -2.22 15.51
C TYR A 279 -9.40 -1.73 14.85
N GLY A 280 -10.04 -0.78 15.52
CA GLY A 280 -11.16 0.00 15.03
C GLY A 280 -12.55 -0.58 15.06
N SER A 281 -13.50 0.25 14.60
CA SER A 281 -14.91 -0.11 14.58
CA SER A 281 -14.92 -0.06 14.56
C SER A 281 -15.39 -0.62 13.20
N THR A 282 -14.49 -0.78 12.21
CA THR A 282 -14.93 -1.32 10.90
C THR A 282 -15.44 -2.71 11.08
N PHE A 283 -16.55 -3.01 10.41
CA PHE A 283 -17.20 -4.32 10.46
C PHE A 283 -17.84 -4.60 9.14
N ASN A 284 -17.59 -5.79 8.59
CA ASN A 284 -18.24 -6.19 7.34
C ASN A 284 -18.91 -7.53 7.60
N ASP A 285 -20.20 -7.59 7.33
CA ASP A 285 -21.01 -8.80 7.51
C ASP A 285 -20.90 -9.62 6.19
N ASP A 286 -20.04 -10.64 6.21
CA ASP A 286 -19.75 -11.52 5.06
C ASP A 286 -19.74 -12.96 5.55
N PRO A 287 -20.65 -13.85 5.05
CA PRO A 287 -20.69 -15.24 5.57
C PRO A 287 -19.46 -16.07 5.23
N GLU A 288 -18.67 -15.62 4.24
CA GLU A 288 -17.46 -16.34 3.83
C GLU A 288 -16.26 -15.90 4.62
N ALA A 289 -16.38 -14.81 5.45
CA ALA A 289 -15.23 -14.25 6.17
C ALA A 289 -14.45 -15.36 6.88
N ILE A 291 -10.21 -16.89 8.09
CA ILE A 291 -8.75 -16.98 8.24
C ILE A 291 -8.48 -18.33 7.62
N HIS A 292 -7.91 -18.34 6.41
CA HIS A 292 -7.73 -19.56 5.66
C HIS A 292 -6.57 -20.43 6.21
N PRO A 293 -6.52 -21.75 5.87
CA PRO A 293 -5.52 -22.65 6.48
C PRO A 293 -4.05 -22.22 6.47
N TYR A 294 -3.33 -22.59 7.58
CA TYR A 294 -1.89 -22.45 7.84
C TYR A 294 -1.40 -21.01 7.66
N CYS A 295 -2.32 -20.08 7.91
CA CYS A 295 -2.13 -18.66 7.74
C CYS A 295 -0.85 -18.12 8.39
N LEU A 296 -0.58 -18.51 9.66
CA LEU A 296 0.58 -18.03 10.41
C LEU A 296 1.39 -19.20 10.93
N GLU A 297 1.51 -20.23 10.10
CA GLU A 297 2.32 -21.39 10.38
C GLU A 297 3.80 -20.97 10.19
N GLY A 298 4.70 -21.58 10.97
CA GLY A 298 6.13 -21.32 10.89
C GLY A 298 6.56 -19.98 11.44
N CYS A 299 5.77 -19.42 12.39
CA CYS A 299 6.06 -18.12 13.04
C CYS A 299 6.43 -18.38 14.53
N PRO A 300 7.69 -18.80 14.85
CA PRO A 300 8.00 -19.19 16.23
C PRO A 300 8.00 -18.08 17.27
N LYS A 301 8.26 -16.82 16.85
CA LYS A 301 8.31 -15.67 17.74
C LYS A 301 6.91 -15.05 17.96
N LEU A 302 5.86 -15.53 17.25
CA LEU A 302 4.50 -15.01 17.42
C LEU A 302 4.01 -15.29 18.84
N ALA A 303 3.72 -14.22 19.61
CA ALA A 303 3.33 -14.34 21.02
C ALA A 303 1.97 -13.66 21.34
N ARG A 304 1.45 -12.84 20.42
CA ARG A 304 0.18 -12.11 20.59
CA ARG A 304 0.17 -12.15 20.58
C ARG A 304 -0.59 -12.23 19.27
N PHE A 305 -1.75 -12.85 19.29
CA PHE A 305 -2.52 -13.03 18.08
C PHE A 305 -3.98 -12.72 18.33
N GLU A 306 -4.50 -11.78 17.55
CA GLU A 306 -5.88 -11.32 17.64
C GLU A 306 -6.56 -11.53 16.31
N ILE A 307 -7.83 -11.94 16.37
CA ILE A 307 -8.65 -12.23 15.17
C ILE A 307 -9.54 -11.00 14.87
N PRO A 308 -9.63 -10.53 13.61
CA PRO A 308 -10.55 -9.41 13.31
C PRO A 308 -12.01 -9.78 13.64
N GLU A 309 -12.78 -8.80 14.12
CA GLU A 309 -14.20 -8.96 14.50
C GLU A 309 -15.11 -9.44 13.34
N SER A 310 -14.74 -9.18 12.08
CA SER A 310 -15.55 -9.58 10.94
C SER A 310 -15.37 -11.04 10.55
N ILE A 311 -14.42 -11.76 11.14
CA ILE A 311 -14.17 -13.16 10.78
C ILE A 311 -15.34 -14.06 11.22
N ARG A 312 -15.75 -14.93 10.31
CA ARG A 312 -16.83 -15.88 10.57
C ARG A 312 -16.28 -17.31 10.74
N ILE A 313 -15.22 -17.67 9.97
CA ILE A 313 -14.67 -19.04 9.98
C ILE A 313 -13.18 -19.07 10.36
N LEU A 314 -12.78 -20.02 11.24
CA LEU A 314 -11.36 -20.19 11.59
C LEU A 314 -10.88 -21.50 10.97
N GLY A 315 -9.99 -21.36 9.97
CA GLY A 315 -9.46 -22.49 9.21
C GLY A 315 -8.49 -23.38 9.97
N GLN A 316 -7.98 -24.38 9.29
CA GLN A 316 -7.08 -25.40 9.84
C GLN A 316 -5.66 -24.87 10.03
N GLY A 317 -5.01 -25.29 11.13
CA GLY A 317 -3.61 -25.02 11.46
C GLY A 317 -3.15 -23.59 11.36
N LEU A 318 -4.00 -22.66 11.79
CA LEU A 318 -3.75 -21.21 11.71
C LEU A 318 -2.43 -20.76 12.37
N LEU A 319 -2.06 -21.35 13.50
CA LEU A 319 -0.81 -21.05 14.22
C LEU A 319 0.04 -22.32 14.39
N GLY A 320 -0.07 -23.26 13.44
CA GLY A 320 0.61 -24.55 13.50
C GLY A 320 2.07 -24.48 13.90
N GLY A 321 2.45 -25.23 14.92
CA GLY A 321 3.82 -25.27 15.44
C GLY A 321 4.22 -24.20 16.43
N ASN A 322 3.43 -23.11 16.55
CA ASN A 322 3.73 -22.04 17.49
C ASN A 322 3.62 -22.52 18.95
N ARG A 323 4.47 -21.99 19.84
CA ARG A 323 4.40 -22.30 21.27
C ARG A 323 4.32 -21.02 22.14
N LYS A 324 4.51 -19.82 21.57
CA LYS A 324 4.53 -18.60 22.41
C LYS A 324 3.14 -17.95 22.64
N VAL A 325 2.18 -18.14 21.73
CA VAL A 325 0.80 -17.62 21.94
C VAL A 325 0.14 -18.52 23.02
N THR A 326 -0.17 -17.97 24.20
CA THR A 326 -0.77 -18.74 25.31
C THR A 326 -2.24 -18.37 25.50
N GLN A 327 -2.66 -17.25 24.91
CA GLN A 327 -4.01 -16.76 25.09
C GLN A 327 -4.66 -16.44 23.77
N LEU A 328 -5.97 -16.75 23.65
CA LEU A 328 -6.70 -16.47 22.42
C LEU A 328 -8.15 -16.13 22.68
N THR A 329 -8.64 -15.05 22.08
CA THR A 329 -10.03 -14.63 22.17
C THR A 329 -10.70 -14.91 20.80
N ILE A 330 -11.81 -15.67 20.82
CA ILE A 330 -12.64 -15.96 19.64
C ILE A 330 -13.74 -14.90 19.60
N PRO A 331 -13.73 -13.95 18.63
CA PRO A 331 -14.78 -12.91 18.62
C PRO A 331 -16.20 -13.50 18.43
N ALA A 332 -17.21 -12.77 18.90
CA ALA A 332 -18.64 -13.14 18.89
C ALA A 332 -19.17 -13.47 17.50
N ASN A 333 -18.57 -12.91 16.43
CA ASN A 333 -19.02 -13.14 15.06
C ASN A 333 -18.69 -14.53 14.51
N VAL A 334 -17.69 -15.22 15.10
CA VAL A 334 -17.23 -16.51 14.63
C VAL A 334 -18.36 -17.53 14.79
N THR A 335 -18.75 -18.21 13.69
CA THR A 335 -19.85 -19.18 13.69
C THR A 335 -19.38 -20.57 13.28
N GLN A 336 -18.07 -20.72 13.00
CA GLN A 336 -17.49 -21.99 12.53
C GLN A 336 -16.00 -22.08 12.81
N ILE A 337 -15.56 -23.23 13.39
CA ILE A 337 -14.14 -23.53 13.63
C ILE A 337 -13.86 -24.88 12.97
N ASN A 338 -12.94 -24.89 11.98
CA ASN A 338 -12.66 -26.09 11.22
C ASN A 338 -11.74 -27.06 11.97
N PHE A 339 -11.56 -28.27 11.38
CA PHE A 339 -10.71 -29.35 11.84
C PHE A 339 -9.27 -28.89 12.13
N SER A 340 -8.71 -29.36 13.26
CA SER A 340 -7.36 -29.10 13.77
CA SER A 340 -7.32 -29.13 13.67
C SER A 340 -6.89 -27.63 13.53
N ALA A 341 -7.75 -26.67 13.97
CA ALA A 341 -7.48 -25.24 13.85
C ALA A 341 -6.37 -24.73 14.77
N PHE A 342 -6.37 -25.17 16.05
CA PHE A 342 -5.44 -24.66 17.06
C PHE A 342 -4.83 -25.75 17.94
N ASN A 343 -4.94 -27.00 17.54
CA ASN A 343 -4.46 -28.09 18.40
C ASN A 343 -2.93 -28.19 18.52
N ASN A 344 -2.17 -27.88 17.46
CA ASN A 344 -0.71 -27.95 17.51
C ASN A 344 -0.13 -26.57 17.92
N THR A 345 -0.57 -26.07 19.06
CA THR A 345 -0.16 -24.78 19.62
C THR A 345 0.07 -24.88 21.12
N GLY A 346 0.57 -23.80 21.69
CA GLY A 346 0.79 -23.66 23.13
C GLY A 346 -0.28 -22.84 23.82
N ILE A 347 -1.48 -22.74 23.19
CA ILE A 347 -2.59 -21.99 23.76
C ILE A 347 -3.08 -22.71 25.02
N LYS A 348 -3.13 -21.97 26.16
CA LYS A 348 -3.57 -22.48 27.46
C LYS A 348 -4.95 -21.94 27.86
N GLU A 349 -5.29 -20.74 27.37
CA GLU A 349 -6.50 -20.05 27.79
C GLU A 349 -7.23 -19.46 26.60
N VAL A 350 -8.49 -19.83 26.44
CA VAL A 350 -9.33 -19.35 25.33
C VAL A 350 -10.56 -18.63 25.89
N LYS A 351 -10.91 -17.47 25.28
CA LYS A 351 -12.13 -16.76 25.62
C LYS A 351 -13.05 -16.76 24.39
N VAL A 352 -14.22 -17.44 24.49
CA VAL A 352 -15.19 -17.52 23.38
C VAL A 352 -16.30 -16.54 23.71
N GLU A 353 -16.39 -15.48 22.90
CA GLU A 353 -17.29 -14.36 23.18
C GLU A 353 -18.74 -14.56 22.73
N GLY A 354 -18.97 -15.43 21.76
CA GLY A 354 -20.32 -15.69 21.27
C GLY A 354 -21.22 -16.42 22.24
N THR A 355 -22.51 -16.01 22.29
CA THR A 355 -23.50 -16.65 23.16
C THR A 355 -23.98 -17.97 22.52
N THR A 356 -23.82 -18.11 21.19
CA THR A 356 -24.11 -19.34 20.45
C THR A 356 -22.77 -19.98 20.14
N PRO A 357 -22.50 -21.22 20.59
CA PRO A 357 -21.20 -21.84 20.29
C PRO A 357 -20.87 -21.91 18.81
N PRO A 358 -19.64 -21.50 18.38
CA PRO A 358 -19.27 -21.71 16.96
C PRO A 358 -19.47 -23.17 16.56
N GLN A 359 -20.06 -23.40 15.37
CA GLN A 359 -20.36 -24.73 14.85
C GLN A 359 -19.10 -25.51 14.46
N VAL A 360 -19.13 -26.80 14.76
CA VAL A 360 -18.09 -27.77 14.43
C VAL A 360 -18.80 -28.79 13.55
N PHE A 361 -18.33 -28.98 12.31
CA PHE A 361 -19.02 -29.89 11.39
C PHE A 361 -18.37 -31.28 11.35
N GLU A 362 -17.26 -31.43 12.07
CA GLU A 362 -16.43 -32.63 12.18
C GLU A 362 -16.90 -33.53 13.29
N LYS A 363 -16.70 -34.85 13.12
CA LYS A 363 -17.02 -35.80 14.20
C LYS A 363 -15.82 -35.85 15.13
N VAL A 364 -14.62 -35.72 14.55
CA VAL A 364 -13.37 -35.63 15.30
C VAL A 364 -12.82 -34.21 15.00
N TRP A 365 -12.94 -33.30 15.98
CA TRP A 365 -12.59 -31.90 15.83
C TRP A 365 -11.08 -31.55 15.85
N TYR A 366 -10.37 -31.95 16.92
CA TYR A 366 -8.97 -31.58 17.20
C TYR A 366 -8.83 -30.02 17.18
N GLY A 367 -9.87 -29.34 17.64
CA GLY A 367 -9.97 -27.89 17.62
C GLY A 367 -8.95 -27.12 18.42
N PHE A 368 -8.65 -27.59 19.64
CA PHE A 368 -7.73 -26.88 20.55
C PHE A 368 -6.76 -27.87 21.16
N PRO A 369 -5.64 -27.44 21.81
CA PRO A 369 -4.70 -28.45 22.34
C PRO A 369 -5.28 -29.31 23.49
N ASP A 370 -4.87 -30.59 23.58
CA ASP A 370 -5.29 -31.48 24.68
C ASP A 370 -4.73 -30.96 26.02
N ASP A 371 -3.65 -30.17 25.97
CA ASP A 371 -2.97 -29.58 27.12
C ASP A 371 -3.55 -28.19 27.48
N ILE A 372 -4.68 -27.78 26.86
CA ILE A 372 -5.32 -26.49 27.16
C ILE A 372 -5.74 -26.45 28.66
N THR A 373 -5.68 -25.27 29.31
CA THR A 373 -6.06 -25.15 30.72
C THR A 373 -7.54 -24.79 30.88
N VAL A 374 -8.05 -23.81 30.12
CA VAL A 374 -9.41 -23.30 30.32
C VAL A 374 -10.00 -22.67 29.05
N ILE A 375 -11.33 -22.83 28.89
CA ILE A 375 -12.15 -22.22 27.85
C ILE A 375 -13.23 -21.44 28.58
N ARG A 376 -13.15 -20.11 28.50
CA ARG A 376 -14.08 -19.21 29.18
C ARG A 376 -15.14 -18.75 28.20
N VAL A 377 -16.41 -19.01 28.50
CA VAL A 377 -17.56 -18.70 27.63
C VAL A 377 -18.59 -17.83 28.40
N PRO A 378 -19.61 -17.20 27.73
CA PRO A 378 -20.62 -16.45 28.50
C PRO A 378 -21.34 -17.35 29.51
N ALA A 379 -21.60 -16.82 30.72
CA ALA A 379 -22.24 -17.57 31.82
C ALA A 379 -23.57 -18.22 31.42
N GLU A 380 -24.43 -17.51 30.68
CA GLU A 380 -25.75 -18.00 30.26
C GLU A 380 -25.66 -19.05 29.13
N SER A 381 -24.44 -19.29 28.58
CA SER A 381 -24.21 -20.23 27.47
C SER A 381 -23.41 -21.48 27.85
N VAL A 382 -22.92 -21.60 29.11
CA VAL A 382 -22.06 -22.70 29.59
C VAL A 382 -22.62 -24.08 29.22
N GLU A 383 -23.92 -24.34 29.46
CA GLU A 383 -24.54 -25.63 29.15
C GLU A 383 -24.58 -25.88 27.63
N LYS A 384 -24.96 -24.85 26.82
CA LYS A 384 -24.95 -24.92 25.34
C LYS A 384 -23.55 -25.33 24.83
N TYR A 385 -22.47 -24.71 25.37
CA TYR A 385 -21.09 -25.04 25.01
C TYR A 385 -20.71 -26.45 25.45
N LYS A 386 -21.14 -26.85 26.66
CA LYS A 386 -20.83 -28.17 27.22
C LYS A 386 -21.49 -29.30 26.43
N ASN A 387 -22.65 -29.02 25.78
CA ASN A 387 -23.36 -30.04 25.00
C ASN A 387 -23.14 -29.90 23.47
N ALA A 388 -22.47 -28.81 23.02
CA ALA A 388 -22.22 -28.57 21.59
C ALA A 388 -21.15 -29.51 21.02
N ASN A 389 -21.31 -29.88 19.74
CA ASN A 389 -20.33 -30.69 19.01
C ASN A 389 -18.96 -30.02 19.04
N GLY A 390 -17.93 -30.82 19.28
CA GLY A 390 -16.56 -30.36 19.36
C GLY A 390 -16.23 -29.77 20.72
N TRP A 391 -16.92 -28.69 21.09
CA TRP A 391 -16.73 -28.01 22.37
C TRP A 391 -16.90 -28.96 23.55
N ARG A 392 -17.82 -29.96 23.42
CA ARG A 392 -18.10 -30.96 24.45
C ARG A 392 -16.84 -31.82 24.76
N ASP A 393 -15.87 -31.92 23.81
CA ASP A 393 -14.59 -32.63 24.00
C ASP A 393 -13.77 -32.04 25.14
N PHE A 394 -14.03 -30.75 25.48
CA PHE A 394 -13.33 -29.98 26.50
C PHE A 394 -14.28 -29.54 27.63
N THR A 395 -15.38 -30.29 27.86
CA THR A 395 -16.40 -29.99 28.91
C THR A 395 -15.75 -29.77 30.29
N ASN A 396 -14.68 -30.51 30.60
CA ASN A 396 -14.03 -30.41 31.92
C ASN A 396 -13.25 -29.09 32.08
N LYS A 397 -12.91 -28.41 30.97
CA LYS A 397 -12.13 -27.16 30.95
C LYS A 397 -13.00 -25.91 30.69
N ILE A 398 -14.33 -26.09 30.49
CA ILE A 398 -15.25 -24.99 30.19
C ILE A 398 -15.78 -24.33 31.47
N THR A 399 -15.59 -23.00 31.55
CA THR A 399 -16.08 -22.19 32.67
C THR A 399 -16.58 -20.84 32.11
N THR A 400 -16.99 -19.91 33.01
CA THR A 400 -17.51 -18.57 32.71
C THR A 400 -16.40 -17.56 32.57
N PHE A 401 -16.72 -16.34 32.05
CA PHE A 401 -15.76 -15.24 31.90
C PHE A 401 -15.21 -14.77 33.26
#